data_4UQY
#
_entry.id   4UQY
#
_cell.length_a   45.220
_cell.length_b   63.970
_cell.length_c   94.540
_cell.angle_alpha   90.00
_cell.angle_beta   90.00
_cell.angle_gamma   90.00
#
_symmetry.space_group_name_H-M   'P 21 21 21'
#
loop_
_entity.id
_entity.type
_entity.pdbx_description
1 polymer HSIE1
2 polymer HSIB1
3 water water
#
loop_
_entity_poly.entity_id
_entity_poly.type
_entity_poly.pdbx_seq_one_letter_code
_entity_poly.pdbx_strand_id
1 'polypeptide(L)'
;GSHMIAEELLRAGRLDDALKALQEQVRSQPSNATLRIFLFQLLAVMGQWARAQNQLKVVGELDASALPMVQTYSTAIDCE
ALRREVFAGRLTPVILGQPAEWIAPLLQALSLDAEGHGEAAQALREQAFDAAPAVPGRIGEAPFAWLADADTRLGPVLEV
IVNGRYAWLPMSNLRSLKVEAPSDLRDLVWLPAELTLANGGATVALLPARYAETVEHGDDAARLGRKTEWLDSGLPVGQR
LFVTDAGETALFDLRELDFEPTDA
;
A
2 'polypeptide(L)' MGSTTSSQKFIARNRAPRVQ B
#
# COMPACT_ATOMS: atom_id res chain seq x y z
N ILE A 5 23.00 15.89 6.64
CA ILE A 5 22.66 16.43 5.32
C ILE A 5 21.66 15.54 4.58
N ALA A 6 21.83 14.22 4.67
CA ALA A 6 20.92 13.29 3.99
C ALA A 6 19.51 13.45 4.53
N GLU A 7 19.38 13.59 5.85
CA GLU A 7 18.09 13.81 6.48
C GLU A 7 17.46 15.11 5.98
N GLU A 8 18.28 16.13 5.82
CA GLU A 8 17.85 17.41 5.29
C GLU A 8 17.39 17.31 3.84
N LEU A 9 18.18 16.61 3.03
CA LEU A 9 17.84 16.40 1.62
C LEU A 9 16.54 15.63 1.50
N LEU A 10 16.37 14.64 2.39
CA LEU A 10 15.16 13.82 2.42
C LEU A 10 13.95 14.66 2.79
N ARG A 11 14.13 15.52 3.78
CA ARG A 11 13.06 16.42 4.23
C ARG A 11 12.60 17.30 3.07
N ALA A 12 13.56 17.77 2.29
CA ALA A 12 13.29 18.62 1.13
C ALA A 12 12.81 17.83 -0.08
N GLY A 13 12.75 16.50 0.05
CA GLY A 13 12.23 15.66 -1.01
C GLY A 13 13.21 15.43 -2.14
N ARG A 14 14.48 15.67 -1.88
CA ARG A 14 15.51 15.49 -2.89
C ARG A 14 16.11 14.09 -2.76
N LEU A 15 15.37 13.11 -3.25
CA LEU A 15 15.72 11.71 -3.03
C LEU A 15 17.07 11.32 -3.60
N ASP A 16 17.35 11.75 -4.83
CA ASP A 16 18.59 11.37 -5.48
C ASP A 16 19.79 11.93 -4.72
N ASP A 17 19.69 13.22 -4.36
CA ASP A 17 20.74 13.87 -3.59
C ASP A 17 20.95 13.18 -2.25
N ALA A 18 19.85 12.83 -1.58
CA ALA A 18 19.93 12.12 -0.31
C ALA A 18 20.65 10.78 -0.46
N LEU A 19 20.30 10.04 -1.52
CA LEU A 19 20.90 8.74 -1.76
C LEU A 19 22.41 8.87 -1.95
N LYS A 20 22.83 9.81 -2.78
CA LYS A 20 24.25 10.09 -2.99
C LYS A 20 24.98 10.28 -1.67
N ALA A 21 24.43 11.14 -0.81
CA ALA A 21 25.09 11.47 0.44
C ALA A 21 25.19 10.26 1.37
N LEU A 22 24.08 9.54 1.50
CA LEU A 22 23.99 8.42 2.43
C LEU A 22 24.92 7.29 2.02
N GLN A 23 25.01 7.02 0.72
CA GLN A 23 25.91 5.96 0.24
C GLN A 23 27.37 6.33 0.51
N GLU A 24 27.69 7.61 0.46
CA GLU A 24 29.05 8.04 0.81
C GLU A 24 29.33 7.79 2.30
N GLN A 25 28.32 8.00 3.14
CA GLN A 25 28.47 7.77 4.57
C GLN A 25 28.66 6.29 4.88
N VAL A 26 27.90 5.45 4.19
CA VAL A 26 28.05 4.01 4.35
C VAL A 26 29.44 3.59 3.86
N ARG A 27 29.87 4.13 2.72
CA ARG A 27 31.19 3.81 2.17
C ARG A 27 32.29 4.19 3.16
N SER A 28 32.06 5.26 3.91
CA SER A 28 33.02 5.73 4.90
C SER A 28 33.00 4.91 6.18
N GLN A 29 31.84 4.41 6.55
CA GLN A 29 31.66 3.63 7.77
C GLN A 29 30.86 2.36 7.47
N PRO A 30 31.47 1.40 6.75
CA PRO A 30 30.75 0.26 6.20
C PRO A 30 30.23 -0.72 7.25
N SER A 31 30.71 -0.62 8.48
CA SER A 31 30.25 -1.52 9.53
C SER A 31 29.10 -0.95 10.34
N ASN A 32 28.66 0.26 9.98
CA ASN A 32 27.60 0.94 10.72
C ASN A 32 26.22 0.46 10.30
N ALA A 33 25.58 -0.35 11.14
CA ALA A 33 24.29 -0.95 10.82
C ALA A 33 23.17 0.09 10.79
N THR A 34 23.27 1.11 11.62
CA THR A 34 22.27 2.16 11.65
C THR A 34 22.20 2.91 10.32
N LEU A 35 23.36 3.21 9.74
CA LEU A 35 23.40 3.85 8.43
C LEU A 35 22.86 2.93 7.33
N ARG A 36 23.19 1.65 7.39
CA ARG A 36 22.68 0.74 6.37
C ARG A 36 21.18 0.54 6.49
N ILE A 37 20.64 0.60 7.71
CA ILE A 37 19.19 0.52 7.87
C ILE A 37 18.51 1.77 7.29
N PHE A 38 19.11 2.95 7.50
CA PHE A 38 18.67 4.17 6.84
C PHE A 38 18.70 3.96 5.32
N LEU A 39 19.80 3.44 4.82
CA LEU A 39 19.96 3.27 3.36
C LEU A 39 18.95 2.30 2.77
N PHE A 40 18.69 1.17 3.44
CA PHE A 40 17.65 0.24 2.98
C PHE A 40 16.30 0.96 2.86
N GLN A 41 15.96 1.78 3.84
CA GLN A 41 14.65 2.43 3.84
C GLN A 41 14.55 3.46 2.72
N LEU A 42 15.63 4.20 2.49
CA LEU A 42 15.65 5.18 1.42
C LEU A 42 15.57 4.49 0.08
N LEU A 43 16.34 3.42 -0.11
CA LEU A 43 16.25 2.66 -1.34
C LEU A 43 14.83 2.14 -1.58
N ALA A 44 14.15 1.73 -0.52
CA ALA A 44 12.77 1.23 -0.66
C ALA A 44 11.85 2.37 -1.09
N VAL A 45 12.00 3.54 -0.47
CA VAL A 45 11.22 4.70 -0.88
C VAL A 45 11.42 5.00 -2.37
N MET A 46 12.66 4.83 -2.84
CA MET A 46 12.98 5.11 -4.23
C MET A 46 12.66 3.93 -5.17
N GLY A 47 12.22 2.81 -4.62
CA GLY A 47 11.84 1.67 -5.43
C GLY A 47 13.02 0.87 -5.98
N GLN A 48 14.19 1.03 -5.37
CA GLN A 48 15.37 0.28 -5.79
C GLN A 48 15.41 -1.01 -4.98
N TRP A 49 14.51 -1.91 -5.34
CA TRP A 49 14.19 -3.05 -4.51
C TRP A 49 15.37 -4.00 -4.25
N ALA A 50 16.10 -4.36 -5.30
CA ALA A 50 17.20 -5.30 -5.14
C ALA A 50 18.31 -4.69 -4.28
N ARG A 51 18.61 -3.41 -4.48
CA ARG A 51 19.63 -2.75 -3.66
C ARG A 51 19.17 -2.62 -2.22
N ALA A 52 17.87 -2.40 -2.03
CA ALA A 52 17.30 -2.34 -0.69
C ALA A 52 17.47 -3.69 0.01
N GLN A 53 17.15 -4.76 -0.71
CA GLN A 53 17.32 -6.10 -0.16
C GLN A 53 18.78 -6.40 0.17
N ASN A 54 19.70 -5.92 -0.67
CA ASN A 54 21.13 -6.08 -0.40
C ASN A 54 21.54 -5.47 0.94
N GLN A 55 21.06 -4.27 1.22
CA GLN A 55 21.41 -3.62 2.47
C GLN A 55 20.84 -4.39 3.65
N LEU A 56 19.59 -4.88 3.53
CA LEU A 56 19.00 -5.71 4.58
C LEU A 56 19.84 -6.94 4.92
N LYS A 57 20.29 -7.63 3.87
CA LYS A 57 21.14 -8.80 4.06
C LYS A 57 22.38 -8.45 4.86
N VAL A 58 23.04 -7.34 4.54
CA VAL A 58 24.27 -6.96 5.24
C VAL A 58 23.96 -6.59 6.68
N VAL A 59 22.83 -5.91 6.89
CA VAL A 59 22.41 -5.54 8.24
C VAL A 59 22.23 -6.78 9.12
N GLY A 60 21.56 -7.80 8.58
CA GLY A 60 21.39 -9.06 9.30
C GLY A 60 22.69 -9.75 9.67
N GLU A 61 23.73 -9.51 8.88
CA GLU A 61 25.04 -10.10 9.18
C GLU A 61 25.84 -9.26 10.17
N LEU A 62 25.57 -7.98 10.21
CA LEU A 62 26.23 -7.08 11.16
C LEU A 62 25.57 -7.10 12.54
N ASP A 63 24.27 -7.39 12.56
CA ASP A 63 23.49 -7.30 13.79
C ASP A 63 22.39 -8.36 13.81
N ALA A 64 22.67 -9.48 14.47
CA ALA A 64 21.75 -10.62 14.45
C ALA A 64 20.41 -10.31 15.13
N SER A 65 20.37 -9.20 15.87
CA SER A 65 19.14 -8.76 16.52
C SER A 65 18.22 -8.05 15.53
N ALA A 66 18.75 -7.72 14.36
CA ALA A 66 17.97 -7.06 13.34
C ALA A 66 17.36 -8.06 12.37
N LEU A 67 17.71 -9.32 12.55
CA LEU A 67 17.25 -10.39 11.64
C LEU A 67 15.72 -10.50 11.51
N PRO A 68 14.96 -10.33 12.61
CA PRO A 68 13.49 -10.34 12.42
C PRO A 68 12.99 -9.23 11.49
N MET A 69 13.52 -8.02 11.65
CA MET A 69 13.19 -6.93 10.72
C MET A 69 13.64 -7.28 9.32
N VAL A 70 14.83 -7.86 9.21
CA VAL A 70 15.37 -8.20 7.90
C VAL A 70 14.43 -9.16 7.17
N GLN A 71 13.95 -10.19 7.87
CA GLN A 71 13.05 -11.15 7.25
C GLN A 71 11.76 -10.47 6.83
N THR A 72 11.22 -9.64 7.71
CA THR A 72 9.94 -8.98 7.46
C THR A 72 10.01 -8.04 6.25
N TYR A 73 11.05 -7.22 6.17
CA TYR A 73 11.06 -6.29 5.06
C TYR A 73 11.65 -6.88 3.78
N SER A 74 12.42 -7.96 3.88
N SER A 74 12.44 -7.95 3.90
CA SER A 74 12.87 -8.61 2.66
CA SER A 74 12.90 -8.66 2.70
C SER A 74 11.69 -9.26 1.95
C SER A 74 11.71 -9.27 1.97
N THR A 75 10.81 -9.89 2.72
CA THR A 75 9.62 -10.47 2.11
C THR A 75 8.64 -9.38 1.67
N ALA A 76 8.59 -8.26 2.40
CA ALA A 76 7.73 -7.15 1.97
C ALA A 76 8.17 -6.63 0.60
N ILE A 77 9.48 -6.53 0.39
CA ILE A 77 9.99 -6.12 -0.90
C ILE A 77 9.64 -7.14 -1.98
N ASP A 78 9.77 -8.43 -1.67
CA ASP A 78 9.31 -9.47 -2.61
C ASP A 78 7.84 -9.26 -3.01
N CYS A 79 7.04 -8.83 -2.05
CA CYS A 79 5.61 -8.65 -2.29
C CYS A 79 5.31 -7.53 -3.28
N GLU A 80 6.19 -6.55 -3.36
CA GLU A 80 5.99 -5.45 -4.32
C GLU A 80 6.05 -5.99 -5.75
N ALA A 81 6.85 -7.02 -6.00
CA ALA A 81 6.90 -7.63 -7.32
C ALA A 81 5.60 -8.37 -7.60
N LEU A 82 5.09 -9.07 -6.59
CA LEU A 82 3.82 -9.77 -6.73
C LEU A 82 2.69 -8.78 -7.02
N ARG A 83 2.72 -7.66 -6.31
CA ARG A 83 1.78 -6.54 -6.52
C ARG A 83 1.70 -6.12 -7.97
N ARG A 84 2.86 -5.88 -8.56
CA ARG A 84 2.97 -5.52 -9.96
C ARG A 84 2.32 -6.58 -10.85
N GLU A 85 2.55 -7.85 -10.54
CA GLU A 85 1.99 -8.93 -11.36
C GLU A 85 0.47 -8.99 -11.24
N VAL A 86 -0.04 -8.76 -10.04
CA VAL A 86 -1.49 -8.75 -9.84
C VAL A 86 -2.13 -7.60 -10.62
N PHE A 87 -1.57 -6.40 -10.55
CA PHE A 87 -2.24 -5.29 -11.24
C PHE A 87 -2.04 -5.37 -12.75
N ALA A 88 -1.04 -6.13 -13.18
CA ALA A 88 -0.82 -6.37 -14.61
C ALA A 88 -1.73 -7.49 -15.14
N GLY A 89 -2.56 -8.07 -14.26
CA GLY A 89 -3.46 -9.14 -14.65
C GLY A 89 -2.79 -10.49 -14.85
N ARG A 90 -1.59 -10.67 -14.28
CA ARG A 90 -0.82 -11.89 -14.50
C ARG A 90 -0.74 -12.81 -13.29
N LEU A 91 -1.39 -12.43 -12.20
CA LEU A 91 -1.34 -13.21 -10.97
C LEU A 91 -2.58 -13.02 -10.12
N THR A 92 -3.10 -14.11 -9.57
CA THR A 92 -4.22 -14.03 -8.64
C THR A 92 -3.65 -13.90 -7.22
N PRO A 93 -4.04 -12.84 -6.51
CA PRO A 93 -3.54 -12.65 -5.14
C PRO A 93 -4.22 -13.62 -4.19
N VAL A 94 -3.59 -13.86 -3.04
CA VAL A 94 -4.27 -14.55 -1.94
C VAL A 94 -5.47 -13.71 -1.50
N ILE A 95 -6.62 -14.35 -1.26
CA ILE A 95 -7.79 -13.65 -0.74
C ILE A 95 -8.01 -14.01 0.72
N LEU A 96 -8.09 -13.01 1.58
CA LEU A 96 -8.19 -13.27 3.00
C LEU A 96 -9.62 -13.36 3.48
N GLY A 97 -9.89 -14.36 4.31
CA GLY A 97 -11.14 -14.47 5.01
C GLY A 97 -12.23 -15.13 4.19
N GLN A 98 -13.46 -14.77 4.50
N GLN A 98 -13.48 -14.81 4.50
CA GLN A 98 -14.62 -15.34 3.80
CA GLN A 98 -14.60 -15.42 3.82
C GLN A 98 -14.55 -15.00 2.32
C GLN A 98 -14.59 -15.02 2.35
N PRO A 99 -14.79 -16.00 1.46
CA PRO A 99 -14.79 -15.72 0.02
C PRO A 99 -15.88 -14.73 -0.34
N ALA A 100 -15.56 -13.87 -1.29
CA ALA A 100 -16.52 -12.88 -1.78
C ALA A 100 -16.66 -13.05 -3.28
N GLU A 101 -17.87 -13.38 -3.72
CA GLU A 101 -18.15 -13.63 -5.13
C GLU A 101 -17.68 -12.51 -6.05
N TRP A 102 -17.84 -11.27 -5.59
CA TRP A 102 -17.56 -10.11 -6.44
C TRP A 102 -16.07 -9.81 -6.60
N ILE A 103 -15.22 -10.53 -5.90
CA ILE A 103 -13.78 -10.41 -6.12
C ILE A 103 -13.41 -10.92 -7.51
N ALA A 104 -14.08 -11.96 -7.99
CA ALA A 104 -13.72 -12.55 -9.28
C ALA A 104 -13.85 -11.54 -10.45
N PRO A 105 -14.97 -10.80 -10.54
CA PRO A 105 -14.99 -9.82 -11.64
C PRO A 105 -13.92 -8.75 -11.50
N LEU A 106 -13.58 -8.35 -10.28
CA LEU A 106 -12.51 -7.39 -10.05
C LEU A 106 -11.19 -7.89 -10.61
N LEU A 107 -10.89 -9.16 -10.35
CA LEU A 107 -9.63 -9.74 -10.82
C LEU A 107 -9.66 -9.91 -12.34
N GLN A 108 -10.79 -10.36 -12.86
CA GLN A 108 -10.93 -10.53 -14.31
C GLN A 108 -10.77 -9.19 -15.04
N ALA A 109 -11.22 -8.11 -14.41
CA ALA A 109 -11.06 -6.79 -15.01
C ALA A 109 -9.59 -6.44 -15.22
N LEU A 110 -8.72 -6.88 -14.32
CA LEU A 110 -7.29 -6.62 -14.46
C LEU A 110 -6.73 -7.34 -15.68
N SER A 111 -7.19 -8.57 -15.90
N SER A 111 -7.18 -8.57 -15.90
CA SER A 111 -6.80 -9.33 -17.07
CA SER A 111 -6.79 -9.32 -17.07
C SER A 111 -7.29 -8.66 -18.36
C SER A 111 -7.28 -8.65 -18.35
N LEU A 112 -8.54 -8.21 -18.34
CA LEU A 112 -9.13 -7.57 -19.50
C LEU A 112 -8.44 -6.23 -19.84
N ASP A 113 -8.11 -5.45 -18.82
CA ASP A 113 -7.33 -4.23 -19.03
C ASP A 113 -6.00 -4.53 -19.74
N ALA A 114 -5.33 -5.60 -19.32
CA ALA A 114 -4.04 -5.99 -19.86
C ALA A 114 -4.12 -6.28 -21.35
N GLU A 115 -5.29 -6.70 -21.79
CA GLU A 115 -5.49 -7.11 -23.17
C GLU A 115 -6.16 -6.01 -24.01
N GLY A 116 -6.35 -4.84 -23.39
CA GLY A 116 -6.83 -3.67 -24.10
C GLY A 116 -8.34 -3.60 -24.18
N HIS A 117 -9.01 -4.41 -23.35
CA HIS A 117 -10.47 -4.43 -23.32
C HIS A 117 -10.99 -3.60 -22.16
N GLY A 118 -10.64 -2.32 -22.17
CA GLY A 118 -10.97 -1.43 -21.07
C GLY A 118 -12.45 -1.25 -20.79
N GLU A 119 -13.29 -1.25 -21.84
CA GLU A 119 -14.72 -1.08 -21.65
C GLU A 119 -15.33 -2.28 -20.95
N ALA A 120 -14.92 -3.47 -21.37
CA ALA A 120 -15.37 -4.69 -20.73
C ALA A 120 -14.85 -4.77 -19.29
N ALA A 121 -13.63 -4.31 -19.07
CA ALA A 121 -13.08 -4.31 -17.72
C ALA A 121 -13.92 -3.38 -16.85
N GLN A 122 -14.27 -2.22 -17.40
CA GLN A 122 -15.13 -1.27 -16.69
C GLN A 122 -16.47 -1.90 -16.34
N ALA A 123 -17.04 -2.64 -17.28
CA ALA A 123 -18.32 -3.31 -17.04
C ALA A 123 -18.20 -4.30 -15.87
N LEU A 124 -17.12 -5.07 -15.83
CA LEU A 124 -16.95 -6.03 -14.73
C LEU A 124 -16.79 -5.32 -13.39
N ARG A 125 -16.05 -4.21 -13.37
CA ARG A 125 -15.88 -3.47 -12.12
C ARG A 125 -17.20 -2.89 -11.64
N GLU A 126 -18.01 -2.38 -12.58
CA GLU A 126 -19.31 -1.85 -12.21
C GLU A 126 -20.16 -2.94 -11.57
N GLN A 127 -20.10 -4.14 -12.13
CA GLN A 127 -20.82 -5.27 -11.56
C GLN A 127 -20.29 -5.69 -10.21
N ALA A 128 -18.96 -5.68 -10.06
CA ALA A 128 -18.33 -6.03 -8.80
C ALA A 128 -18.73 -5.04 -7.72
N PHE A 129 -18.66 -3.75 -8.05
CA PHE A 129 -19.01 -2.70 -7.10
C PHE A 129 -20.48 -2.78 -6.68
N ASP A 130 -21.36 -3.03 -7.63
CA ASP A 130 -22.78 -3.14 -7.33
C ASP A 130 -23.06 -4.31 -6.37
N ALA A 131 -22.33 -5.41 -6.54
CA ALA A 131 -22.52 -6.60 -5.74
C ALA A 131 -21.89 -6.47 -4.36
N ALA A 132 -20.79 -5.73 -4.25
CA ALA A 132 -20.11 -5.59 -2.96
C ALA A 132 -21.00 -4.80 -2.02
N PRO A 133 -21.19 -5.30 -0.79
CA PRO A 133 -22.11 -4.65 0.13
C PRO A 133 -21.59 -3.30 0.63
N ALA A 134 -22.47 -2.32 0.72
CA ALA A 134 -22.14 -1.09 1.44
C ALA A 134 -22.21 -1.45 2.92
N VAL A 135 -21.10 -1.34 3.61
CA VAL A 135 -21.09 -1.60 5.05
C VAL A 135 -20.79 -0.31 5.80
N PRO A 136 -21.72 0.12 6.65
CA PRO A 136 -21.49 1.35 7.42
C PRO A 136 -20.43 1.15 8.48
N GLY A 137 -19.89 2.25 8.98
CA GLY A 137 -18.86 2.14 10.00
C GLY A 137 -18.41 3.51 10.44
N ARG A 138 -17.20 3.57 10.99
CA ARG A 138 -16.64 4.85 11.37
C ARG A 138 -15.13 4.89 11.18
N ILE A 139 -14.65 6.07 10.84
CA ILE A 139 -13.23 6.38 10.87
C ILE A 139 -12.99 7.19 12.12
N GLY A 140 -12.37 6.58 13.12
CA GLY A 140 -12.36 7.17 14.44
C GLY A 140 -13.78 7.35 14.90
N GLU A 141 -14.21 8.59 15.07
CA GLU A 141 -15.56 8.90 15.53
C GLU A 141 -16.50 9.26 14.37
N ALA A 142 -15.94 9.52 13.20
CA ALA A 142 -16.71 9.98 12.04
C ALA A 142 -17.38 8.84 11.28
N PRO A 143 -18.73 8.84 11.26
CA PRO A 143 -19.47 7.76 10.59
C PRO A 143 -19.37 7.81 9.06
N PHE A 144 -19.53 6.65 8.43
CA PHE A 144 -19.69 6.56 6.98
C PHE A 144 -20.75 5.50 6.66
N ALA A 145 -21.38 5.62 5.51
CA ALA A 145 -22.35 4.63 5.02
C ALA A 145 -21.62 3.58 4.17
N TRP A 146 -20.55 4.00 3.50
CA TRP A 146 -19.68 3.07 2.79
C TRP A 146 -18.26 3.61 2.70
N LEU A 147 -17.31 2.73 2.46
CA LEU A 147 -15.91 3.13 2.35
C LEU A 147 -15.21 2.29 1.29
N ALA A 148 -14.34 2.92 0.51
CA ALA A 148 -13.55 2.21 -0.50
C ALA A 148 -12.20 2.86 -0.68
N ASP A 149 -11.30 2.16 -1.35
CA ASP A 149 -10.10 2.80 -1.84
C ASP A 149 -10.47 3.73 -2.99
N ALA A 150 -9.77 4.86 -3.10
CA ALA A 150 -9.97 5.74 -4.24
C ALA A 150 -9.54 5.09 -5.56
N ASP A 151 -8.72 4.04 -5.47
CA ASP A 151 -8.29 3.25 -6.62
C ASP A 151 -9.44 2.34 -7.05
N THR A 152 -10.02 2.61 -8.22
CA THR A 152 -11.17 1.84 -8.71
C THR A 152 -10.83 0.40 -9.07
N ARG A 153 -9.54 0.08 -9.18
CA ARG A 153 -9.17 -1.31 -9.41
C ARG A 153 -9.39 -2.16 -8.17
N LEU A 154 -9.42 -1.50 -7.01
CA LEU A 154 -9.72 -2.17 -5.73
C LEU A 154 -11.14 -1.94 -5.23
N GLY A 155 -11.59 -0.69 -5.25
CA GLY A 155 -12.83 -0.40 -4.56
C GLY A 155 -12.76 -0.79 -3.09
N PRO A 156 -13.75 -1.55 -2.60
CA PRO A 156 -13.83 -1.89 -1.17
C PRO A 156 -12.95 -3.09 -0.83
N VAL A 157 -11.67 -2.96 -1.15
CA VAL A 157 -10.68 -4.01 -0.95
C VAL A 157 -9.43 -3.36 -0.38
N LEU A 158 -8.85 -4.02 0.63
N LEU A 158 -8.87 -4.01 0.63
CA LEU A 158 -7.60 -3.57 1.22
CA LEU A 158 -7.60 -3.61 1.22
C LEU A 158 -6.43 -4.47 0.78
C LEU A 158 -6.46 -4.48 0.70
N GLU A 159 -5.37 -3.86 0.25
CA GLU A 159 -4.14 -4.59 -0.04
C GLU A 159 -3.38 -4.78 1.26
N VAL A 160 -2.95 -6.00 1.54
CA VAL A 160 -2.22 -6.26 2.76
C VAL A 160 -1.05 -7.19 2.52
N ILE A 161 -0.08 -7.11 3.40
CA ILE A 161 0.97 -8.12 3.46
C ILE A 161 0.84 -8.80 4.80
N VAL A 162 0.57 -10.10 4.79
CA VAL A 162 0.40 -10.84 6.03
C VAL A 162 1.37 -12.01 6.04
N ASN A 163 2.19 -12.09 7.09
CA ASN A 163 3.21 -13.15 7.15
C ASN A 163 4.06 -13.19 5.88
N GLY A 164 4.40 -12.02 5.35
CA GLY A 164 5.24 -11.92 4.17
C GLY A 164 4.55 -12.29 2.85
N ARG A 165 3.21 -12.37 2.88
CA ARG A 165 2.44 -12.77 1.71
C ARG A 165 1.56 -11.62 1.24
N TYR A 166 1.51 -11.41 -0.07
CA TYR A 166 0.66 -10.36 -0.61
C TYR A 166 -0.77 -10.87 -0.74
N ALA A 167 -1.72 -10.12 -0.20
CA ALA A 167 -3.10 -10.57 -0.22
C ALA A 167 -4.06 -9.42 -0.43
N TRP A 168 -5.25 -9.76 -0.91
CA TRP A 168 -6.38 -8.83 -0.93
C TRP A 168 -7.34 -9.19 0.18
N LEU A 169 -7.77 -8.18 0.93
CA LEU A 169 -8.74 -8.38 1.99
C LEU A 169 -9.98 -7.58 1.64
N PRO A 170 -11.05 -8.26 1.23
CA PRO A 170 -12.33 -7.54 1.06
C PRO A 170 -12.68 -6.81 2.34
N MET A 171 -13.04 -5.54 2.23
CA MET A 171 -13.31 -4.78 3.43
C MET A 171 -14.52 -5.31 4.19
N SER A 172 -15.44 -5.96 3.47
CA SER A 172 -16.60 -6.59 4.11
C SER A 172 -16.20 -7.70 5.08
N ASN A 173 -14.96 -8.18 4.95
CA ASN A 173 -14.46 -9.19 5.88
C ASN A 173 -13.79 -8.58 7.12
N LEU A 174 -13.64 -7.26 7.13
CA LEU A 174 -12.90 -6.58 8.19
C LEU A 174 -13.83 -6.09 9.29
N ARG A 175 -13.43 -6.30 10.56
CA ARG A 175 -14.16 -5.73 11.69
C ARG A 175 -13.52 -4.41 12.08
N SER A 176 -12.20 -4.44 12.27
CA SER A 176 -11.49 -3.21 12.60
C SER A 176 -10.06 -3.25 12.13
N LEU A 177 -9.53 -2.06 11.90
CA LEU A 177 -8.17 -1.86 11.44
C LEU A 177 -7.60 -0.79 12.36
N LYS A 178 -6.37 -0.98 12.84
CA LYS A 178 -5.71 0.08 13.63
C LYS A 178 -4.33 0.31 13.07
N VAL A 179 -4.00 1.57 12.85
CA VAL A 179 -2.65 1.94 12.40
C VAL A 179 -2.20 3.14 13.20
N GLU A 180 -0.90 3.38 13.24
CA GLU A 180 -0.38 4.60 13.82
C GLU A 180 0.17 5.46 12.71
N ALA A 181 0.51 6.72 13.02
CA ALA A 181 1.18 7.57 12.06
C ALA A 181 2.49 6.93 11.65
N PRO A 182 2.90 7.13 10.39
CA PRO A 182 4.23 6.64 10.02
C PRO A 182 5.32 7.26 10.89
N SER A 183 6.28 6.44 11.30
CA SER A 183 7.32 6.87 12.25
C SER A 183 8.71 6.68 11.64
N ASP A 184 8.93 5.50 11.08
CA ASP A 184 10.16 5.20 10.38
C ASP A 184 9.97 5.47 8.88
N LEU A 185 11.07 5.70 8.17
CA LEU A 185 11.00 5.98 6.74
C LEU A 185 10.33 4.84 5.97
N ARG A 186 10.61 3.61 6.37
CA ARG A 186 9.98 2.47 5.72
C ARG A 186 8.45 2.46 5.88
N ASP A 187 7.93 3.18 6.87
CA ASP A 187 6.46 3.22 7.07
C ASP A 187 5.74 4.00 5.94
N LEU A 188 6.48 4.82 5.21
CA LEU A 188 5.90 5.49 4.03
C LEU A 188 5.65 4.49 2.89
N VAL A 189 6.33 3.35 2.94
CA VAL A 189 6.17 2.33 1.92
C VAL A 189 5.20 1.24 2.37
N TRP A 190 5.38 0.79 3.61
CA TRP A 190 4.54 -0.25 4.22
C TRP A 190 4.16 0.19 5.62
N LEU A 191 2.87 0.46 5.84
CA LEU A 191 2.44 0.95 7.13
C LEU A 191 2.01 -0.22 8.03
N PRO A 192 2.64 -0.37 9.20
CA PRO A 192 2.23 -1.44 10.11
C PRO A 192 0.79 -1.29 10.58
N ALA A 193 0.10 -2.42 10.72
CA ALA A 193 -1.31 -2.39 11.03
C ALA A 193 -1.68 -3.60 11.87
N GLU A 194 -2.77 -3.47 12.62
CA GLU A 194 -3.42 -4.61 13.26
C GLU A 194 -4.79 -4.75 12.64
N LEU A 195 -5.12 -5.96 12.21
CA LEU A 195 -6.41 -6.22 11.57
C LEU A 195 -7.22 -7.20 12.40
N THR A 196 -8.52 -6.94 12.56
CA THR A 196 -9.42 -7.94 13.13
C THR A 196 -10.50 -8.23 12.11
N LEU A 197 -10.69 -9.52 11.82
CA LEU A 197 -11.68 -9.92 10.84
C LEU A 197 -13.04 -10.11 11.48
N ALA A 198 -14.09 -9.92 10.69
CA ALA A 198 -15.45 -10.03 11.19
C ALA A 198 -15.75 -11.41 11.79
N ASN A 199 -15.13 -12.45 11.24
N ASN A 199 -15.14 -12.45 11.21
CA ASN A 199 -15.37 -13.81 11.73
CA ASN A 199 -15.33 -13.80 11.71
C ASN A 199 -14.41 -14.21 12.86
C ASN A 199 -14.69 -14.00 13.07
N GLY A 200 -13.61 -13.27 13.32
CA GLY A 200 -12.84 -13.45 14.54
C GLY A 200 -11.33 -13.35 14.43
N GLY A 201 -10.77 -13.80 13.31
CA GLY A 201 -9.33 -13.80 13.13
C GLY A 201 -8.71 -12.43 13.30
N ALA A 202 -7.53 -12.39 13.92
CA ALA A 202 -6.79 -11.14 14.09
C ALA A 202 -5.34 -11.38 13.76
N THR A 203 -4.69 -10.39 13.14
CA THR A 203 -3.30 -10.53 12.76
C THR A 203 -2.65 -9.17 12.57
N VAL A 204 -1.35 -9.11 12.82
CA VAL A 204 -0.58 -7.96 12.42
C VAL A 204 -0.38 -8.05 10.90
N ALA A 205 -0.12 -6.91 10.28
CA ALA A 205 0.02 -6.85 8.84
C ALA A 205 0.83 -5.63 8.47
N LEU A 206 1.26 -5.59 7.22
CA LEU A 206 1.80 -4.37 6.63
C LEU A 206 0.84 -3.92 5.53
N LEU A 207 0.55 -2.62 5.48
CA LEU A 207 -0.27 -2.11 4.41
C LEU A 207 0.61 -1.37 3.41
N PRO A 208 0.69 -1.88 2.17
CA PRO A 208 1.32 -1.12 1.09
C PRO A 208 0.68 0.27 1.02
N ALA A 209 1.49 1.29 1.27
CA ALA A 209 0.98 2.60 1.64
C ALA A 209 0.89 3.55 0.46
N ARG A 210 1.51 3.15 -0.65
N ARG A 210 1.47 3.16 -0.67
CA ARG A 210 1.52 3.93 -1.88
CA ARG A 210 1.38 4.00 -1.86
C ARG A 210 0.91 3.11 -3.00
C ARG A 210 0.99 3.14 -3.04
N TYR A 211 0.37 3.77 -4.03
CA TYR A 211 -0.13 3.02 -5.18
C TYR A 211 1.00 2.37 -5.97
N ALA A 212 0.70 1.24 -6.61
CA ALA A 212 1.74 0.43 -7.23
C ALA A 212 2.48 1.14 -8.35
N GLU A 213 1.85 2.13 -8.98
CA GLU A 213 2.51 2.81 -10.10
C GLU A 213 3.41 3.93 -9.61
N THR A 214 3.46 4.16 -8.30
CA THR A 214 4.17 5.33 -7.76
C THR A 214 5.67 5.32 -8.02
N VAL A 215 6.30 4.17 -7.83
CA VAL A 215 7.75 4.09 -8.00
C VAL A 215 8.19 4.45 -9.41
N GLU A 216 7.51 3.90 -10.41
CA GLU A 216 7.89 4.11 -11.80
C GLU A 216 7.42 5.44 -12.38
N HIS A 217 6.21 5.86 -12.00
CA HIS A 217 5.55 6.95 -12.70
C HIS A 217 5.31 8.20 -11.85
N GLY A 218 5.51 8.09 -10.54
CA GLY A 218 5.30 9.20 -9.65
C GLY A 218 6.54 10.07 -9.58
N ASP A 219 6.42 11.24 -8.97
CA ASP A 219 7.61 12.04 -8.72
C ASP A 219 8.07 11.80 -7.29
N ASP A 220 9.13 12.49 -6.87
CA ASP A 220 9.68 12.30 -5.54
C ASP A 220 8.62 12.55 -4.47
N ALA A 221 7.84 13.62 -4.63
CA ALA A 221 6.76 13.92 -3.70
C ALA A 221 5.77 12.75 -3.57
N ALA A 222 5.40 12.15 -4.70
CA ALA A 222 4.51 10.99 -4.69
C ALA A 222 5.15 9.82 -3.95
N ARG A 223 6.43 9.61 -4.19
CA ARG A 223 7.09 8.46 -3.56
C ARG A 223 7.18 8.65 -2.05
N LEU A 224 7.20 9.91 -1.61
CA LEU A 224 7.21 10.19 -0.17
C LEU A 224 5.81 10.30 0.42
N GLY A 225 4.79 10.06 -0.42
CA GLY A 225 3.41 10.09 0.03
C GLY A 225 2.88 11.48 0.33
N ARG A 226 3.50 12.50 -0.25
CA ARG A 226 3.12 13.90 0.04
C ARG A 226 2.05 14.40 -0.92
N LYS A 227 1.62 13.53 -1.83
CA LYS A 227 0.55 13.86 -2.77
C LYS A 227 -0.13 12.58 -3.21
N THR A 228 -1.34 12.72 -3.75
CA THR A 228 -2.02 11.63 -4.41
C THR A 228 -2.56 12.24 -5.69
N GLU A 229 -2.32 11.60 -6.82
CA GLU A 229 -2.85 12.12 -8.07
C GLU A 229 -3.03 11.01 -9.08
N TRP A 230 -3.74 11.32 -10.16
CA TRP A 230 -4.00 10.35 -11.21
C TRP A 230 -3.23 10.71 -12.48
N LEU A 231 -2.57 9.71 -13.05
CA LEU A 231 -1.80 9.89 -14.27
C LEU A 231 -2.73 9.99 -15.48
N ASP A 232 -2.18 10.44 -16.61
CA ASP A 232 -2.97 10.50 -17.85
C ASP A 232 -3.47 9.11 -18.22
N SER A 233 -2.78 8.08 -17.75
CA SER A 233 -3.18 6.70 -17.96
C SER A 233 -4.44 6.35 -17.18
N GLY A 234 -4.78 7.17 -16.20
CA GLY A 234 -5.94 6.93 -15.36
C GLY A 234 -5.61 6.23 -14.06
N LEU A 235 -4.34 5.88 -13.90
CA LEU A 235 -3.89 5.17 -12.71
C LEU A 235 -3.35 6.13 -11.65
N PRO A 236 -3.61 5.84 -10.37
CA PRO A 236 -3.17 6.72 -9.29
C PRO A 236 -1.73 6.50 -8.90
N VAL A 237 -1.09 7.57 -8.41
CA VAL A 237 0.21 7.47 -7.76
C VAL A 237 0.22 8.23 -6.44
N GLY A 238 1.14 7.89 -5.55
CA GLY A 238 1.25 8.60 -4.29
C GLY A 238 0.58 7.88 -3.14
N GLN A 239 0.23 8.65 -2.11
CA GLN A 239 -0.29 8.08 -0.89
C GLN A 239 -1.68 7.48 -1.06
N ARG A 240 -1.89 6.29 -0.50
CA ARG A 240 -3.20 5.67 -0.51
C ARG A 240 -4.27 6.57 0.09
N LEU A 241 -5.42 6.61 -0.57
CA LEU A 241 -6.53 7.45 -0.19
C LEU A 241 -7.81 6.62 -0.06
N PHE A 242 -8.55 6.82 1.03
CA PHE A 242 -9.85 6.16 1.20
C PHE A 242 -10.94 7.17 0.96
N VAL A 243 -12.02 6.72 0.34
CA VAL A 243 -13.17 7.59 0.12
C VAL A 243 -14.43 7.01 0.75
N THR A 244 -15.30 7.88 1.22
CA THR A 244 -16.57 7.45 1.77
C THR A 244 -17.68 8.27 1.13
N ASP A 245 -18.92 7.99 1.51
CA ASP A 245 -20.04 8.79 1.03
C ASP A 245 -19.93 10.21 1.53
N ALA A 246 -19.15 10.41 2.58
CA ALA A 246 -19.15 11.69 3.30
C ALA A 246 -17.88 12.52 3.10
N GLY A 247 -16.80 11.91 2.62
CA GLY A 247 -15.53 12.61 2.52
C GLY A 247 -14.40 11.68 2.15
N GLU A 248 -13.18 12.07 2.49
CA GLU A 248 -12.02 11.25 2.19
C GLU A 248 -10.98 11.37 3.27
N THR A 249 -10.19 10.30 3.42
CA THR A 249 -9.16 10.21 4.45
C THR A 249 -7.93 9.53 3.86
N ALA A 250 -6.79 10.20 3.94
CA ALA A 250 -5.54 9.59 3.50
C ALA A 250 -5.08 8.61 4.56
N LEU A 251 -4.42 7.55 4.11
CA LEU A 251 -3.98 6.47 4.98
C LEU A 251 -3.20 6.93 6.21
N PHE A 252 -2.27 7.87 6.02
CA PHE A 252 -1.41 8.33 7.11
C PHE A 252 -2.14 9.19 8.14
N ASP A 253 -3.39 9.54 7.83
CA ASP A 253 -4.23 10.28 8.77
C ASP A 253 -5.29 9.38 9.41
N LEU A 254 -5.28 8.09 9.05
N LEU A 254 -5.28 8.09 9.03
CA LEU A 254 -6.18 7.11 9.66
CA LEU A 254 -6.10 7.08 9.67
C LEU A 254 -5.52 6.55 10.92
C LEU A 254 -5.48 6.63 10.97
N ARG A 255 -6.31 6.30 11.95
CA ARG A 255 -5.82 5.65 13.17
C ARG A 255 -6.64 4.40 13.45
N GLU A 256 -7.96 4.55 13.43
CA GLU A 256 -8.88 3.45 13.66
C GLU A 256 -9.99 3.45 12.64
N LEU A 257 -10.26 2.27 12.08
CA LEU A 257 -11.33 2.08 11.13
C LEU A 257 -12.18 0.93 11.65
N ASP A 258 -13.48 1.14 11.79
CA ASP A 258 -14.35 0.09 12.32
C ASP A 258 -15.55 -0.08 11.40
N PHE A 259 -15.87 -1.32 11.06
CA PHE A 259 -17.08 -1.59 10.29
C PHE A 259 -18.16 -2.17 11.20
N GLU A 260 -19.40 -1.72 11.01
CA GLU A 260 -20.49 -2.22 11.82
C GLU A 260 -21.67 -2.67 10.95
N PRO A 261 -21.65 -3.95 10.55
CA PRO A 261 -22.74 -4.57 9.76
C PRO A 261 -24.08 -4.58 10.49
N GLN B 8 -22.61 7.72 -5.90
CA GLN B 8 -22.10 6.52 -6.55
C GLN B 8 -21.28 5.69 -5.56
N LYS B 9 -21.81 4.53 -5.18
CA LYS B 9 -21.18 3.66 -4.18
C LYS B 9 -19.72 3.32 -4.52
N PHE B 10 -18.84 3.57 -3.55
CA PHE B 10 -17.39 3.24 -3.62
C PHE B 10 -16.58 4.09 -4.61
N ILE B 11 -17.16 5.16 -5.13
CA ILE B 11 -16.48 5.95 -6.16
C ILE B 11 -15.95 7.28 -5.63
N ALA B 12 -14.67 7.56 -5.88
CA ALA B 12 -14.14 8.91 -5.68
C ALA B 12 -14.67 9.80 -6.80
N ARG B 13 -15.47 10.79 -6.45
CA ARG B 13 -16.05 11.68 -7.45
C ARG B 13 -15.01 12.65 -8.02
N ASN B 14 -13.98 12.94 -7.25
CA ASN B 14 -12.99 13.90 -7.66
C ASN B 14 -11.64 13.24 -7.92
N ARG B 15 -11.05 13.47 -9.09
CA ARG B 15 -9.70 12.94 -9.35
C ARG B 15 -8.66 14.05 -9.55
N ALA B 16 -8.94 15.23 -9.01
CA ALA B 16 -7.96 16.31 -9.00
C ALA B 16 -6.78 15.91 -8.12
N PRO B 17 -5.59 16.44 -8.43
CA PRO B 17 -4.44 16.13 -7.56
C PRO B 17 -4.72 16.53 -6.12
N ARG B 18 -4.31 15.69 -5.19
CA ARG B 18 -4.48 15.97 -3.76
C ARG B 18 -3.14 16.34 -3.15
N VAL B 19 -3.13 17.36 -2.30
CA VAL B 19 -1.95 17.59 -1.47
C VAL B 19 -2.13 16.85 -0.16
N GLN B 20 -1.05 16.25 0.35
CA GLN B 20 -1.14 15.53 1.61
C GLN B 20 -0.27 16.18 2.68
#